data_2QKX
#
_entry.id   2QKX
#
_cell.length_a   94.303
_cell.length_b   94.303
_cell.length_c   288.041
_cell.angle_alpha   90.00
_cell.angle_beta   90.00
_cell.angle_gamma   120.00
#
_symmetry.space_group_name_H-M   'H 3 2'
#
loop_
_entity.id
_entity.type
_entity.pdbx_description
1 polymer 'Bifunctional protein glmU'
2 non-polymer 2-acetamido-2-deoxy-1-O-phosphono-alpha-D-glucopyranose
3 water water
#
_entity_poly.entity_id   1
_entity_poly.type   'polypeptide(L)'
_entity_poly.pdbx_seq_one_letter_code
;GSMTFPGDTAVLVLAAGPGTRMRSDTPKVLHTLAGRSMLSHVLHAIAKLAPQRLIVVLGHDHQRIAPLVGELADTLGRTI
DVALQDRPLGTGHAVLCGLSALPDDYAGNVVVTSGDTPLLDADTLADLIATHRAVSAAVTVLTTTLDDPFGYGRILRTQD
HEVMAIVEQTDATPSQREIREVNAGVYAFDIAALRSALSRLSSNNAQQELYLTDVIAILRSDGQTVHASHVDDSALVAGV
NNRVQLAELASELNRRVVAAHQLAGVTVVDPATTWIDVDVTIGRDTVIHPGTQLLGRTQIGGRCVVGPDTTLTDVAVGDG
ASVVRTHGSSSSIGDGAAVGPFTYLRPGTALGADGKLGAFVEVKNSTIGTGTKVPHLTYVGDADIGEYSNI
;
_entity_poly.pdbx_strand_id   A
#
# COMPACT_ATOMS: atom_id res chain seq x y z
N THR A 4 -16.95 -6.03 -4.80
CA THR A 4 -16.33 -5.71 -6.13
C THR A 4 -17.22 -4.80 -7.03
N PHE A 5 -16.77 -4.49 -8.25
CA PHE A 5 -17.27 -3.28 -8.94
C PHE A 5 -18.45 -3.38 -9.87
N PRO A 6 -19.50 -2.60 -9.58
CA PRO A 6 -20.38 -2.27 -10.72
C PRO A 6 -19.58 -1.28 -11.57
N GLY A 7 -19.83 -1.20 -12.87
CA GLY A 7 -20.40 -2.26 -13.70
C GLY A 7 -19.53 -2.01 -14.91
N ASP A 8 -19.90 -0.97 -15.64
CA ASP A 8 -18.97 -0.27 -16.50
C ASP A 8 -18.21 0.80 -15.64
N THR A 9 -17.22 0.40 -14.85
CA THR A 9 -16.47 1.38 -14.03
C THR A 9 -15.02 1.52 -14.43
N ALA A 10 -14.57 2.79 -14.52
CA ALA A 10 -13.17 3.10 -14.80
C ALA A 10 -12.52 3.89 -13.68
N VAL A 11 -11.39 3.38 -13.18
CA VAL A 11 -10.57 4.02 -12.14
C VAL A 11 -9.26 4.58 -12.68
N LEU A 12 -9.04 5.87 -12.41
CA LEU A 12 -7.80 6.58 -12.67
C LEU A 12 -6.96 6.65 -11.39
N VAL A 13 -5.78 6.08 -11.44
CA VAL A 13 -4.80 6.22 -10.39
C VAL A 13 -3.82 7.34 -10.75
N LEU A 14 -3.84 8.44 -10.00
CA LEU A 14 -2.94 9.59 -10.21
C LEU A 14 -1.62 9.45 -9.48
N ALA A 15 -0.55 9.34 -10.28
CA ALA A 15 0.79 9.13 -9.79
C ALA A 15 1.81 10.05 -10.50
N ALA A 16 1.39 11.28 -10.82
CA ALA A 16 2.23 12.16 -11.62
C ALA A 16 2.97 13.25 -10.85
N GLY A 17 2.80 13.26 -9.52
CA GLY A 17 3.26 14.35 -8.65
C GLY A 17 4.77 14.49 -8.67
N PRO A 18 5.32 15.61 -8.12
CA PRO A 18 6.79 15.68 -8.17
C PRO A 18 7.41 14.89 -7.00
N GLY A 19 6.67 14.71 -5.90
CA GLY A 19 7.16 13.93 -4.75
C GLY A 19 8.37 14.51 -4.05
N THR A 20 8.48 15.84 -4.12
CA THR A 20 9.65 16.58 -3.67
C THR A 20 9.95 16.36 -2.19
N ARG A 21 8.90 16.20 -1.39
CA ARG A 21 9.02 16.24 0.07
C ARG A 21 9.50 14.94 0.65
N MET A 22 9.53 13.92 -0.20
CA MET A 22 10.18 12.65 0.15
C MET A 22 11.67 12.89 0.31
N ARG A 23 12.16 13.89 -0.40
CA ARG A 23 13.59 14.18 -0.50
C ARG A 23 14.45 12.95 -0.82
N SER A 24 14.23 12.39 -2.00
CA SER A 24 14.73 11.08 -2.37
C SER A 24 14.96 11.06 -3.86
N ASP A 25 15.96 10.32 -4.28
CA ASP A 25 16.16 10.08 -5.68
C ASP A 25 15.17 9.03 -6.20
N THR A 26 14.51 8.28 -5.33
CA THR A 26 13.55 7.23 -5.74
C THR A 26 12.11 7.76 -5.78
N PRO A 27 11.39 7.63 -6.93
CA PRO A 27 10.09 8.34 -7.00
C PRO A 27 9.15 7.97 -5.85
N LYS A 28 8.39 8.95 -5.37
CA LYS A 28 7.62 8.75 -4.17
C LYS A 28 6.85 7.43 -4.16
N VAL A 29 6.04 7.16 -5.18
CA VAL A 29 5.12 6.03 -5.15
C VAL A 29 5.86 4.71 -5.19
N LEU A 30 7.14 4.74 -5.50
CA LEU A 30 7.90 3.50 -5.49
C LEU A 30 8.43 3.19 -4.10
N HIS A 31 8.24 4.14 -3.18
CA HIS A 31 8.73 3.92 -1.84
C HIS A 31 7.89 2.82 -1.26
N THR A 32 8.61 2.02 -0.49
CA THR A 32 8.27 0.63 -0.22
C THR A 32 7.67 0.54 1.18
N LEU A 33 6.86 -0.48 1.42
CA LEU A 33 6.00 -0.45 2.62
C LEU A 33 5.45 -1.82 2.91
N ALA A 34 5.98 -2.55 3.90
CA ALA A 34 5.44 -3.90 4.23
C ALA A 34 5.48 -4.86 3.04
N GLY A 35 6.52 -4.76 2.20
CA GLY A 35 6.77 -5.68 1.09
C GLY A 35 6.25 -5.23 -0.28
N ARG A 36 5.62 -4.06 -0.34
CA ARG A 36 5.09 -3.53 -1.61
C ARG A 36 5.32 -2.03 -1.71
N SER A 37 5.45 -1.54 -2.93
CA SER A 37 5.57 -0.12 -3.15
C SER A 37 4.20 0.46 -2.93
N MET A 38 4.09 1.75 -2.58
CA MET A 38 2.80 2.34 -2.36
C MET A 38 1.91 2.08 -3.55
N LEU A 39 2.49 2.17 -4.74
CA LEU A 39 1.79 1.95 -5.98
C LEU A 39 1.32 0.49 -6.14
N SER A 40 2.15 -0.46 -5.72
CA SER A 40 1.77 -1.86 -5.76
C SER A 40 0.54 -2.13 -4.89
N HIS A 41 0.51 -1.62 -3.65
CA HIS A 41 -0.65 -1.71 -2.75
C HIS A 41 -1.91 -1.20 -3.40
N VAL A 42 -1.81 0.02 -3.94
CA VAL A 42 -2.96 0.69 -4.54
C VAL A 42 -3.45 -0.02 -5.78
N LEU A 43 -2.56 -0.52 -6.62
CA LEU A 43 -3.05 -1.29 -7.76
C LEU A 43 -3.65 -2.63 -7.37
N HIS A 44 -3.06 -3.35 -6.41
CA HIS A 44 -3.67 -4.56 -5.86
C HIS A 44 -5.09 -4.28 -5.33
N ALA A 45 -5.23 -3.40 -4.33
CA ALA A 45 -6.56 -3.04 -3.81
C ALA A 45 -7.54 -2.78 -4.95
N ILE A 46 -7.15 -1.95 -5.91
CA ILE A 46 -8.03 -1.64 -7.05
C ILE A 46 -8.35 -2.84 -7.95
N ALA A 47 -7.35 -3.51 -8.49
CA ALA A 47 -7.61 -4.74 -9.29
C ALA A 47 -8.64 -5.72 -8.68
N LYS A 48 -8.61 -5.89 -7.35
CA LYS A 48 -9.50 -6.80 -6.63
C LYS A 48 -10.96 -6.51 -6.97
N LEU A 49 -11.25 -5.23 -7.16
CA LEU A 49 -12.62 -4.80 -7.42
C LEU A 49 -13.01 -4.98 -8.89
N ALA A 50 -11.99 -5.10 -9.74
CA ALA A 50 -12.12 -5.40 -11.18
C ALA A 50 -12.88 -4.33 -11.97
N PRO A 51 -12.28 -3.13 -12.06
CA PRO A 51 -12.96 -2.11 -12.84
C PRO A 51 -12.91 -2.54 -14.28
N GLN A 52 -13.73 -1.95 -15.13
CA GLN A 52 -13.62 -2.27 -16.54
C GLN A 52 -12.30 -1.68 -17.13
N ARG A 53 -11.89 -0.53 -16.61
CA ARG A 53 -10.68 0.15 -17.05
C ARG A 53 -9.83 0.51 -15.85
N LEU A 54 -8.52 0.57 -16.06
CA LEU A 54 -7.62 0.97 -14.99
C LEU A 54 -6.54 1.80 -15.63
N ILE A 55 -6.50 3.06 -15.25
CA ILE A 55 -5.60 4.02 -15.88
C ILE A 55 -4.71 4.68 -14.84
N VAL A 56 -3.40 4.49 -14.97
CA VAL A 56 -2.41 5.14 -14.14
C VAL A 56 -1.79 6.34 -14.88
N VAL A 57 -2.02 7.55 -14.36
CA VAL A 57 -1.48 8.78 -14.94
C VAL A 57 -0.07 9.02 -14.41
N LEU A 58 0.94 8.88 -15.27
CA LEU A 58 2.35 9.07 -14.89
C LEU A 58 2.83 10.42 -15.38
N GLY A 59 3.77 11.05 -14.70
CA GLY A 59 4.18 12.41 -15.03
C GLY A 59 5.68 12.52 -14.92
N HIS A 60 6.14 13.47 -14.10
CA HIS A 60 7.56 13.61 -13.65
C HIS A 60 8.53 12.46 -14.04
N ASP A 61 8.39 11.32 -13.35
CA ASP A 61 9.32 10.22 -13.47
C ASP A 61 8.80 9.02 -14.26
N HIS A 62 7.89 9.25 -15.21
CA HIS A 62 7.23 8.13 -15.91
C HIS A 62 8.21 7.06 -16.43
N GLN A 63 9.32 7.53 -17.00
CA GLN A 63 10.46 6.71 -17.44
C GLN A 63 10.76 5.47 -16.56
N ARG A 64 10.74 5.67 -15.24
CA ARG A 64 11.20 4.67 -14.28
C ARG A 64 10.04 3.92 -13.62
N ILE A 65 8.89 4.59 -13.51
CA ILE A 65 7.65 3.98 -13.00
C ILE A 65 6.94 3.05 -14.02
N ALA A 66 6.82 3.47 -15.27
CA ALA A 66 6.07 2.72 -16.29
C ALA A 66 6.37 1.22 -16.32
N PRO A 67 7.64 0.83 -16.57
CA PRO A 67 7.96 -0.59 -16.58
C PRO A 67 7.26 -1.41 -15.50
N LEU A 68 7.11 -0.82 -14.33
CA LEU A 68 6.62 -1.56 -13.17
C LEU A 68 5.12 -1.76 -13.22
N VAL A 69 4.40 -0.76 -13.69
CA VAL A 69 2.97 -0.88 -13.90
C VAL A 69 2.70 -2.11 -14.78
N GLY A 70 3.47 -2.27 -15.87
CA GLY A 70 3.35 -3.42 -16.78
C GLY A 70 3.82 -4.72 -16.15
N GLU A 71 4.85 -4.61 -15.31
CA GLU A 71 5.26 -5.74 -14.48
C GLU A 71 4.07 -6.18 -13.62
N LEU A 72 3.40 -5.22 -12.95
CA LEU A 72 2.22 -5.48 -12.13
C LEU A 72 1.03 -5.96 -12.95
N ALA A 73 0.81 -5.33 -14.10
CA ALA A 73 -0.26 -5.70 -15.02
C ALA A 73 -0.28 -7.19 -15.31
N ASP A 74 0.89 -7.81 -15.41
CA ASP A 74 0.99 -9.24 -15.66
C ASP A 74 0.61 -10.10 -14.45
N THR A 75 1.32 -9.92 -13.34
CA THR A 75 0.98 -10.46 -12.03
C THR A 75 -0.53 -10.52 -11.79
N LEU A 76 -1.22 -9.39 -11.99
CA LEU A 76 -2.65 -9.29 -11.73
C LEU A 76 -3.54 -9.78 -12.90
N GLY A 77 -2.89 -10.45 -13.87
CA GLY A 77 -3.53 -10.99 -15.08
C GLY A 77 -4.63 -10.09 -15.61
N ARG A 78 -4.25 -8.89 -16.05
CA ARG A 78 -5.20 -7.83 -16.36
C ARG A 78 -4.42 -6.75 -17.07
N THR A 79 -5.09 -6.00 -17.95
CA THR A 79 -4.46 -4.86 -18.64
C THR A 79 -4.53 -3.53 -17.83
N ILE A 80 -3.41 -2.82 -17.70
CA ILE A 80 -3.39 -1.48 -17.05
C ILE A 80 -2.84 -0.40 -17.98
N ASP A 81 -3.65 0.61 -18.25
CA ASP A 81 -3.29 1.69 -19.16
C ASP A 81 -2.46 2.80 -18.44
N VAL A 82 -1.55 3.45 -19.18
CA VAL A 82 -0.67 4.50 -18.66
C VAL A 82 -0.87 5.75 -19.49
N ALA A 83 -1.39 6.81 -18.87
CA ALA A 83 -1.49 8.11 -19.54
C ALA A 83 -0.37 9.03 -19.05
N LEU A 84 0.26 9.77 -19.95
CA LEU A 84 1.36 10.63 -19.54
C LEU A 84 0.94 12.07 -19.48
N GLN A 85 1.08 12.69 -18.32
CA GLN A 85 0.86 14.13 -18.15
C GLN A 85 2.18 14.86 -18.35
N ASP A 86 2.19 15.71 -19.39
CA ASP A 86 3.37 16.40 -19.91
C ASP A 86 3.87 17.44 -18.94
N ARG A 87 3.05 18.47 -18.79
CA ARG A 87 3.38 19.55 -17.92
C ARG A 87 2.77 19.31 -16.55
N PRO A 88 3.45 19.75 -15.47
CA PRO A 88 2.71 19.57 -14.23
C PRO A 88 1.72 20.73 -14.07
N LEU A 89 0.65 20.75 -14.88
CA LEU A 89 -0.31 21.87 -14.83
C LEU A 89 -1.50 21.56 -13.89
N GLY A 90 -1.24 20.76 -12.87
CA GLY A 90 -2.22 20.53 -11.81
C GLY A 90 -2.92 19.19 -11.83
N THR A 91 -3.45 18.81 -10.66
CA THR A 91 -4.19 17.56 -10.48
C THR A 91 -5.37 17.39 -11.45
N GLY A 92 -6.05 18.49 -11.80
CA GLY A 92 -7.21 18.48 -12.70
C GLY A 92 -6.79 18.09 -14.10
N HIS A 93 -5.69 18.69 -14.54
CA HIS A 93 -5.07 18.37 -15.81
C HIS A 93 -4.69 16.90 -15.86
N ALA A 94 -4.17 16.41 -14.74
CA ALA A 94 -3.88 15.00 -14.58
C ALA A 94 -5.09 14.15 -14.89
N VAL A 95 -6.25 14.54 -14.39
CA VAL A 95 -7.43 13.75 -14.64
C VAL A 95 -7.73 13.87 -16.12
N LEU A 96 -7.76 15.10 -16.64
CA LEU A 96 -7.96 15.29 -18.06
C LEU A 96 -7.04 14.42 -18.91
N CYS A 97 -5.81 14.22 -18.46
CA CYS A 97 -4.87 13.27 -19.12
C CYS A 97 -5.30 11.83 -19.03
N GLY A 98 -5.65 11.41 -17.82
CA GLY A 98 -6.25 10.10 -17.60
C GLY A 98 -7.33 9.75 -18.61
N LEU A 99 -8.26 10.67 -18.84
CA LEU A 99 -9.44 10.44 -19.70
C LEU A 99 -9.07 10.23 -21.16
N SER A 100 -7.97 10.87 -21.56
CA SER A 100 -7.38 10.71 -22.87
C SER A 100 -7.16 9.24 -23.25
N ALA A 101 -7.33 8.31 -22.32
CA ALA A 101 -7.12 6.88 -22.62
C ALA A 101 -8.40 6.04 -22.68
N LEU A 102 -9.56 6.65 -22.44
CA LEU A 102 -10.86 5.99 -22.65
C LEU A 102 -11.44 6.47 -23.96
N PRO A 103 -12.34 5.68 -24.59
CA PRO A 103 -13.09 6.21 -25.74
C PRO A 103 -13.86 7.51 -25.38
N ASP A 104 -14.02 8.41 -26.35
CA ASP A 104 -14.61 9.74 -26.14
C ASP A 104 -16.01 9.72 -25.58
N ASP A 105 -16.64 8.53 -25.60
CA ASP A 105 -18.05 8.36 -25.19
C ASP A 105 -18.28 7.20 -24.20
N TYR A 106 -17.27 6.91 -23.39
CA TYR A 106 -17.39 5.96 -22.30
C TYR A 106 -18.49 6.48 -21.39
N ALA A 107 -19.54 5.68 -21.20
CA ALA A 107 -20.70 6.09 -20.41
C ALA A 107 -20.52 5.87 -18.89
N GLY A 108 -19.57 5.03 -18.51
CA GLY A 108 -19.42 4.61 -17.13
C GLY A 108 -18.94 5.63 -16.11
N ASN A 109 -19.12 5.31 -14.85
CA ASN A 109 -18.67 6.16 -13.77
C ASN A 109 -17.16 6.16 -13.71
N VAL A 110 -16.61 7.25 -13.15
CA VAL A 110 -15.18 7.44 -13.00
C VAL A 110 -14.79 7.59 -11.54
N VAL A 111 -13.83 6.79 -11.10
CA VAL A 111 -13.31 6.87 -9.75
C VAL A 111 -11.89 7.35 -9.87
N VAL A 112 -11.65 8.49 -9.23
CA VAL A 112 -10.31 9.07 -9.22
C VAL A 112 -9.71 8.84 -7.84
N THR A 113 -8.60 8.14 -7.80
CA THR A 113 -7.87 7.98 -6.57
C THR A 113 -6.41 8.30 -6.84
N SER A 114 -5.56 8.17 -5.82
CA SER A 114 -4.22 8.66 -5.83
C SER A 114 -3.22 7.50 -5.70
N GLY A 115 -1.95 7.74 -5.98
CA GLY A 115 -0.95 6.67 -5.90
C GLY A 115 -0.30 6.44 -4.54
N ASP A 116 -0.53 7.40 -3.64
CA ASP A 116 0.11 7.47 -2.33
C ASP A 116 -0.83 7.24 -1.13
N THR A 117 -1.85 6.41 -1.29
CA THR A 117 -2.77 6.09 -0.22
C THR A 117 -2.72 4.58 -0.11
N PRO A 118 -1.65 4.06 0.49
CA PRO A 118 -1.43 2.62 0.40
C PRO A 118 -2.40 1.85 1.26
N LEU A 119 -3.07 2.51 2.20
CA LEU A 119 -4.01 1.82 3.08
C LEU A 119 -5.42 1.67 2.54
N LEU A 120 -5.74 2.42 1.48
CA LEU A 120 -7.04 2.34 0.81
C LEU A 120 -7.53 0.91 0.47
N ASP A 121 -8.70 0.53 0.98
CA ASP A 121 -9.13 -0.86 0.94
C ASP A 121 -10.39 -1.04 0.11
N ALA A 122 -10.81 -2.31 0.00
CA ALA A 122 -11.97 -2.69 -0.79
C ALA A 122 -13.25 -2.01 -0.33
N ASP A 123 -13.51 -2.04 0.98
CA ASP A 123 -14.83 -1.60 1.45
C ASP A 123 -15.07 -0.13 1.22
N THR A 124 -14.08 0.66 1.61
CA THR A 124 -14.06 2.10 1.41
C THR A 124 -14.44 2.45 -0.01
N LEU A 125 -13.76 1.79 -0.97
CA LEU A 125 -14.02 2.03 -2.39
C LEU A 125 -15.48 1.66 -2.77
N ALA A 126 -15.87 0.41 -2.55
CA ALA A 126 -17.28 -0.01 -2.69
C ALA A 126 -18.26 1.02 -2.12
N ASP A 127 -18.13 1.34 -0.83
CA ASP A 127 -19.05 2.28 -0.14
C ASP A 127 -19.17 3.55 -0.95
N LEU A 128 -18.04 3.96 -1.55
CA LEU A 128 -17.99 5.17 -2.35
C LEU A 128 -19.01 5.11 -3.49
N ILE A 129 -18.95 4.03 -4.28
CA ILE A 129 -19.92 3.89 -5.37
C ILE A 129 -21.37 3.70 -4.90
N ALA A 130 -21.53 2.91 -3.83
CA ALA A 130 -22.83 2.66 -3.21
C ALA A 130 -23.52 3.96 -2.84
N THR A 131 -22.78 4.87 -2.19
CA THR A 131 -23.27 6.22 -1.83
C THR A 131 -23.54 7.01 -3.09
N HIS A 132 -22.54 7.04 -3.98
CA HIS A 132 -22.56 7.86 -5.18
C HIS A 132 -23.82 7.57 -6.04
N ARG A 133 -24.04 6.29 -6.32
CA ARG A 133 -25.21 5.81 -7.08
C ARG A 133 -26.51 5.98 -6.31
N ALA A 134 -26.46 5.80 -4.99
CA ALA A 134 -27.64 5.84 -4.14
C ALA A 134 -28.21 7.25 -4.07
N VAL A 135 -27.35 8.21 -3.76
CA VAL A 135 -27.70 9.61 -3.71
C VAL A 135 -27.64 10.19 -5.14
N SER A 136 -27.37 9.31 -6.11
CA SER A 136 -27.33 9.66 -7.56
C SER A 136 -26.60 11.00 -7.78
N ALA A 137 -25.35 11.03 -7.31
CA ALA A 137 -24.55 12.24 -7.25
C ALA A 137 -23.81 12.52 -8.55
N ALA A 138 -23.52 13.79 -8.76
CA ALA A 138 -22.68 14.19 -9.86
C ALA A 138 -21.23 14.02 -9.45
N VAL A 139 -20.93 14.26 -8.17
CA VAL A 139 -19.63 13.91 -7.62
C VAL A 139 -19.70 13.49 -6.16
N THR A 140 -18.89 12.50 -5.81
CA THR A 140 -18.70 12.13 -4.43
C THR A 140 -17.23 12.24 -4.08
N VAL A 141 -16.98 12.90 -2.98
CA VAL A 141 -15.63 13.07 -2.55
C VAL A 141 -15.50 12.42 -1.15
N LEU A 142 -14.39 11.74 -0.89
CA LEU A 142 -14.22 11.12 0.43
C LEU A 142 -13.52 12.09 1.35
N THR A 143 -14.05 12.29 2.55
CA THR A 143 -13.35 13.15 3.49
C THR A 143 -13.01 12.38 4.73
N THR A 144 -12.31 13.06 5.62
CA THR A 144 -11.92 12.51 6.89
C THR A 144 -11.50 13.64 7.84
N THR A 145 -11.62 13.37 9.13
CA THR A 145 -11.26 14.35 10.14
C THR A 145 -9.91 13.99 10.74
N LEU A 146 -9.00 14.98 10.74
CA LEU A 146 -7.63 14.80 11.24
C LEU A 146 -7.37 15.63 12.48
N ASP A 147 -6.43 15.16 13.30
CA ASP A 147 -5.96 15.96 14.42
C ASP A 147 -5.11 17.12 13.89
N ASP A 148 -4.27 16.82 12.89
CA ASP A 148 -3.49 17.85 12.20
C ASP A 148 -3.79 17.87 10.67
N PRO A 149 -4.60 18.86 10.22
CA PRO A 149 -5.04 19.04 8.82
C PRO A 149 -4.08 19.78 7.88
N PHE A 150 -2.83 20.03 8.30
CA PHE A 150 -1.88 20.72 7.44
C PHE A 150 -1.60 19.91 6.17
N GLY A 151 -1.47 20.63 5.06
CA GLY A 151 -1.03 20.06 3.79
C GLY A 151 -2.20 19.67 2.91
N TYR A 152 -3.27 19.22 3.56
CA TYR A 152 -4.49 18.74 2.93
C TYR A 152 -5.43 19.91 2.60
N GLY A 153 -6.44 19.63 1.78
CA GLY A 153 -7.42 20.65 1.39
C GLY A 153 -8.65 20.55 2.26
N ARG A 154 -9.25 21.70 2.57
CA ARG A 154 -10.29 21.77 3.59
C ARG A 154 -11.69 21.68 3.01
N ILE A 155 -12.56 20.89 3.66
CA ILE A 155 -13.97 20.80 3.24
C ILE A 155 -14.80 21.91 3.87
N LEU A 156 -15.39 22.76 3.03
CA LEU A 156 -16.25 23.83 3.51
C LEU A 156 -17.72 23.42 3.48
N ARG A 157 -18.40 23.58 4.61
CA ARG A 157 -19.78 23.19 4.76
C ARG A 157 -20.56 24.28 5.43
N THR A 158 -21.74 24.60 4.91
CA THR A 158 -22.68 25.47 5.59
C THR A 158 -23.30 24.76 6.82
N GLN A 159 -24.22 25.45 7.52
CA GLN A 159 -24.80 24.99 8.81
C GLN A 159 -25.54 23.64 8.77
N ASP A 160 -26.33 23.43 7.71
CA ASP A 160 -26.96 22.15 7.39
C ASP A 160 -25.98 21.06 6.95
N HIS A 161 -24.72 21.12 7.41
CA HIS A 161 -23.68 20.16 7.02
C HIS A 161 -23.51 19.92 5.48
N GLU A 162 -24.01 20.83 4.65
CA GLU A 162 -23.96 20.69 3.17
C GLU A 162 -22.67 21.23 2.54
N VAL A 163 -22.01 20.43 1.69
CA VAL A 163 -20.75 20.85 1.03
C VAL A 163 -20.91 22.06 0.07
N MET A 164 -19.91 22.95 0.09
CA MET A 164 -19.88 24.12 -0.80
C MET A 164 -18.68 24.15 -1.75
N ALA A 165 -17.51 23.68 -1.30
CA ALA A 165 -16.23 23.90 -2.00
C ALA A 165 -15.07 23.27 -1.24
N ILE A 166 -13.93 23.10 -1.90
CA ILE A 166 -12.72 22.63 -1.24
C ILE A 166 -11.58 23.61 -1.45
N VAL A 167 -10.98 24.11 -0.35
CA VAL A 167 -9.93 25.15 -0.43
C VAL A 167 -8.58 24.61 0.02
N GLU A 168 -7.57 24.76 -0.86
CA GLU A 168 -6.30 24.06 -0.67
C GLU A 168 -5.45 24.73 0.38
N GLN A 169 -4.55 23.95 1.00
CA GLN A 169 -3.63 24.43 2.02
C GLN A 169 -3.11 25.82 1.69
N THR A 170 -2.46 25.94 0.53
CA THR A 170 -1.87 27.21 0.11
C THR A 170 -2.89 28.35 0.11
N ASP A 171 -4.09 28.12 -0.44
CA ASP A 171 -5.08 29.18 -0.77
C ASP A 171 -6.02 29.58 0.37
N ALA A 172 -6.02 28.83 1.47
CA ALA A 172 -6.98 29.06 2.56
C ALA A 172 -6.72 30.34 3.35
N THR A 173 -7.79 30.97 3.86
CA THR A 173 -7.66 32.06 4.85
C THR A 173 -7.06 31.47 6.15
N PRO A 174 -6.60 32.32 7.11
CA PRO A 174 -6.01 31.62 8.29
C PRO A 174 -7.09 30.96 9.19
N SER A 175 -8.33 31.45 9.10
CA SER A 175 -9.51 30.92 9.79
C SER A 175 -9.99 29.59 9.19
N GLN A 176 -9.92 29.46 7.88
CA GLN A 176 -10.21 28.21 7.19
C GLN A 176 -9.15 27.16 7.49
N ARG A 177 -8.00 27.58 8.00
CA ARG A 177 -6.97 26.61 8.37
C ARG A 177 -7.30 25.89 9.69
N GLU A 178 -8.10 26.57 10.52
CA GLU A 178 -8.62 25.99 11.76
C GLU A 178 -9.57 24.80 11.43
N ILE A 179 -10.21 24.80 10.26
CA ILE A 179 -11.04 23.66 9.81
C ILE A 179 -10.25 22.35 9.79
N ARG A 180 -10.87 21.28 10.28
CA ARG A 180 -10.20 20.00 10.46
C ARG A 180 -10.67 18.86 9.51
N GLU A 181 -11.76 19.08 8.81
CA GLU A 181 -12.26 18.09 7.83
C GLU A 181 -11.55 18.21 6.48
N VAL A 182 -10.91 17.14 6.08
CA VAL A 182 -10.08 17.26 4.89
C VAL A 182 -10.52 16.44 3.73
N ASN A 183 -10.17 16.95 2.55
CA ASN A 183 -10.39 16.25 1.31
C ASN A 183 -9.46 15.02 1.24
N ALA A 184 -10.02 13.84 1.08
CA ALA A 184 -9.16 12.65 1.00
C ALA A 184 -8.52 12.44 -0.37
N GLY A 185 -9.02 13.10 -1.41
CA GLY A 185 -8.48 12.92 -2.74
C GLY A 185 -8.88 11.60 -3.41
N VAL A 186 -9.99 11.03 -2.98
CA VAL A 186 -10.63 9.89 -3.63
C VAL A 186 -12.03 10.36 -4.02
N TYR A 187 -12.36 10.22 -5.30
CA TYR A 187 -13.60 10.74 -5.82
C TYR A 187 -14.38 9.66 -6.60
N ALA A 188 -15.68 9.90 -6.80
CA ALA A 188 -16.47 9.20 -7.83
C ALA A 188 -17.26 10.25 -8.60
N PHE A 189 -17.18 10.18 -9.93
CA PHE A 189 -17.84 11.14 -10.82
C PHE A 189 -18.84 10.54 -11.80
N ASP A 190 -19.90 11.28 -12.04
CA ASP A 190 -20.65 11.10 -13.25
C ASP A 190 -19.72 11.61 -14.37
N ILE A 191 -19.35 10.73 -15.30
CA ILE A 191 -18.43 11.06 -16.41
C ILE A 191 -18.78 12.32 -17.23
N ALA A 192 -20.04 12.51 -17.59
CA ALA A 192 -20.40 13.68 -18.39
C ALA A 192 -20.21 14.92 -17.55
N ALA A 193 -20.60 14.80 -16.28
CA ALA A 193 -20.57 15.94 -15.36
C ALA A 193 -19.15 16.32 -14.98
N LEU A 194 -18.21 15.39 -15.19
CA LEU A 194 -16.77 15.61 -14.99
C LEU A 194 -16.14 16.38 -16.16
N ARG A 195 -16.22 15.81 -17.36
CA ARG A 195 -15.64 16.43 -18.55
C ARG A 195 -15.97 17.91 -18.58
N SER A 196 -17.26 18.18 -18.57
CA SER A 196 -17.80 19.54 -18.60
C SER A 196 -17.10 20.47 -17.58
N ALA A 197 -17.00 20.01 -16.33
CA ALA A 197 -16.45 20.82 -15.22
C ALA A 197 -14.96 21.13 -15.34
N LEU A 198 -14.21 20.18 -15.88
CA LEU A 198 -12.78 20.36 -16.12
C LEU A 198 -12.50 21.42 -17.19
N SER A 199 -13.34 21.46 -18.22
CA SER A 199 -13.21 22.45 -19.27
C SER A 199 -13.19 23.86 -18.67
N ARG A 200 -13.94 24.07 -17.59
CA ARG A 200 -14.05 25.40 -16.98
C ARG A 200 -13.03 25.79 -15.89
N LEU A 201 -12.04 24.95 -15.61
CA LEU A 201 -11.03 25.26 -14.60
C LEU A 201 -10.01 26.34 -15.07
N SER A 202 -9.77 27.36 -14.23
CA SER A 202 -8.76 28.41 -14.47
C SER A 202 -7.59 28.22 -13.50
N SER A 203 -6.38 28.57 -13.98
CA SER A 203 -5.12 28.55 -13.17
C SER A 203 -4.94 29.82 -12.29
N ASN A 204 -6.02 30.62 -12.24
CA ASN A 204 -6.12 31.85 -11.47
C ASN A 204 -6.16 31.59 -9.95
N ASN A 205 -4.98 31.61 -9.35
CA ASN A 205 -4.87 31.43 -7.91
C ASN A 205 -4.72 29.96 -7.56
N ALA A 206 -3.83 29.68 -6.61
CA ALA A 206 -2.77 30.63 -6.21
C ALA A 206 -1.40 29.93 -6.28
N GLN A 207 -1.40 28.62 -6.53
CA GLN A 207 -0.20 27.93 -7.06
C GLN A 207 -0.15 27.98 -8.60
N GLN A 208 -0.82 28.97 -9.21
CA GLN A 208 -0.98 29.11 -10.69
C GLN A 208 -1.16 27.74 -11.36
N GLU A 209 -2.35 27.15 -11.20
CA GLU A 209 -2.56 25.75 -11.56
C GLU A 209 -4.01 25.41 -11.77
N LEU A 210 -4.26 24.26 -12.41
CA LEU A 210 -5.62 23.73 -12.61
C LEU A 210 -5.93 22.67 -11.55
N TYR A 211 -6.66 23.10 -10.52
CA TYR A 211 -7.01 22.27 -9.36
C TYR A 211 -8.18 21.36 -9.66
N LEU A 212 -8.06 20.10 -9.28
CA LEU A 212 -9.16 19.15 -9.45
C LEU A 212 -10.23 19.44 -8.44
N THR A 213 -9.79 19.97 -7.32
CA THR A 213 -10.69 20.30 -6.25
C THR A 213 -11.67 21.34 -6.69
N ASP A 214 -11.20 22.31 -7.46
CA ASP A 214 -12.06 23.41 -7.98
C ASP A 214 -13.42 22.91 -8.51
N VAL A 215 -13.49 21.63 -8.90
CA VAL A 215 -14.67 21.00 -9.54
C VAL A 215 -15.91 20.99 -8.63
N ILE A 216 -15.68 20.76 -7.34
CA ILE A 216 -16.74 20.71 -6.33
C ILE A 216 -17.56 22.00 -6.24
N ALA A 217 -16.90 23.15 -6.31
CA ALA A 217 -17.56 24.45 -6.30
C ALA A 217 -18.27 24.73 -7.63
N ILE A 218 -17.63 24.34 -8.74
CA ILE A 218 -18.18 24.53 -10.10
C ILE A 218 -19.51 23.78 -10.19
N LEU A 219 -19.47 22.48 -9.89
CA LEU A 219 -20.66 21.65 -9.99
C LEU A 219 -21.76 22.08 -9.02
N ARG A 220 -21.38 22.51 -7.81
CA ARG A 220 -22.36 23.13 -6.89
C ARG A 220 -23.13 24.27 -7.63
N SER A 221 -22.39 25.18 -8.26
CA SER A 221 -22.98 26.27 -9.05
C SER A 221 -23.77 25.76 -10.24
N ASP A 222 -23.31 24.67 -10.86
CA ASP A 222 -24.01 24.08 -11.99
C ASP A 222 -25.43 23.74 -11.62
N GLY A 223 -25.61 23.28 -10.38
CA GLY A 223 -26.92 22.95 -9.84
C GLY A 223 -27.05 21.46 -9.63
N GLN A 224 -25.91 20.77 -9.68
CA GLN A 224 -25.83 19.31 -9.63
C GLN A 224 -25.59 18.82 -8.21
N THR A 225 -25.75 17.53 -7.99
CA THR A 225 -25.81 17.08 -6.61
C THR A 225 -24.42 16.65 -6.13
N VAL A 226 -23.99 17.28 -5.04
CA VAL A 226 -22.59 17.22 -4.59
C VAL A 226 -22.46 16.61 -3.20
N HIS A 227 -22.07 15.35 -3.16
CA HIS A 227 -22.01 14.65 -1.89
C HIS A 227 -20.59 14.40 -1.44
N ALA A 228 -20.29 14.73 -0.18
CA ALA A 228 -19.06 14.25 0.45
C ALA A 228 -19.35 13.16 1.48
N SER A 229 -18.60 12.07 1.43
CA SER A 229 -18.78 10.94 2.34
C SER A 229 -17.64 10.82 3.36
N HIS A 230 -17.94 11.06 4.63
CA HIS A 230 -16.90 11.07 5.68
C HIS A 230 -16.41 9.69 6.02
N VAL A 231 -15.10 9.48 5.90
CA VAL A 231 -14.46 8.21 6.28
C VAL A 231 -13.87 8.31 7.70
N ASP A 232 -14.41 7.52 8.64
CA ASP A 232 -14.06 7.61 10.06
C ASP A 232 -12.65 7.16 10.34
N ASP A 233 -12.29 6.04 9.73
CA ASP A 233 -10.95 5.50 9.91
C ASP A 233 -9.94 6.21 8.96
N SER A 234 -9.45 7.36 9.39
CA SER A 234 -8.53 8.19 8.59
C SER A 234 -7.42 7.39 7.93
N ALA A 235 -6.86 6.43 8.69
CA ALA A 235 -5.75 5.61 8.20
C ALA A 235 -5.97 5.14 6.74
N LEU A 236 -7.11 4.51 6.47
CA LEU A 236 -7.45 3.96 5.16
C LEU A 236 -7.29 4.96 4.02
N VAL A 237 -7.32 6.23 4.37
CA VAL A 237 -7.49 7.31 3.41
C VAL A 237 -6.34 8.37 3.50
N ALA A 238 -5.36 8.08 4.35
CA ALA A 238 -4.27 9.00 4.57
C ALA A 238 -3.33 8.91 3.39
N GLY A 239 -2.74 10.05 3.07
CA GLY A 239 -1.76 10.16 1.97
C GLY A 239 -0.31 10.11 2.45
N VAL A 240 0.63 10.09 1.52
CA VAL A 240 2.01 10.05 1.91
C VAL A 240 2.78 11.15 1.17
N ASN A 241 3.24 12.20 1.86
CA ASN A 241 4.05 13.23 1.19
C ASN A 241 5.48 13.31 1.65
N ASN A 242 5.72 12.92 2.88
CA ASN A 242 7.08 12.88 3.39
C ASN A 242 7.37 11.53 4.06
N ARG A 243 8.63 11.33 4.44
CA ARG A 243 9.02 10.09 5.06
C ARG A 243 8.45 9.91 6.47
N VAL A 244 8.05 11.02 7.11
CA VAL A 244 7.37 10.97 8.40
C VAL A 244 6.06 10.23 8.22
N GLN A 245 5.26 10.64 7.24
CA GLN A 245 4.00 9.95 6.97
C GLN A 245 4.19 8.54 6.49
N LEU A 246 5.20 8.30 5.69
CA LEU A 246 5.47 6.95 5.22
C LEU A 246 5.61 6.02 6.42
N ALA A 247 6.41 6.41 7.44
CA ALA A 247 6.66 5.57 8.64
C ALA A 247 5.41 5.39 9.48
N GLU A 248 4.68 6.48 9.72
CA GLU A 248 3.40 6.39 10.43
C GLU A 248 2.45 5.41 9.80
N LEU A 249 2.51 5.29 8.47
CA LEU A 249 1.54 4.44 7.80
C LEU A 249 2.08 3.05 7.75
N ALA A 250 3.40 2.93 7.66
CA ALA A 250 4.03 1.62 7.71
C ALA A 250 3.67 0.98 9.04
N SER A 251 3.50 1.82 10.04
CA SER A 251 3.26 1.39 11.39
C SER A 251 1.81 0.96 11.56
N GLU A 252 0.90 1.78 11.04
CA GLU A 252 -0.51 1.51 11.14
C GLU A 252 -0.90 0.28 10.33
N LEU A 253 -0.21 0.01 9.23
CA LEU A 253 -0.52 -1.16 8.45
C LEU A 253 0.00 -2.39 9.14
N ASN A 254 1.20 -2.27 9.72
CA ASN A 254 1.83 -3.40 10.41
C ASN A 254 0.89 -3.87 11.53
N ARG A 255 0.49 -2.93 12.36
CA ARG A 255 -0.41 -3.18 13.43
C ARG A 255 -1.60 -4.01 12.98
N ARG A 256 -2.15 -3.69 11.80
CA ARG A 256 -3.31 -4.40 11.27
C ARG A 256 -2.94 -5.78 10.73
N VAL A 257 -1.72 -5.93 10.19
CA VAL A 257 -1.28 -7.22 9.71
C VAL A 257 -1.07 -8.18 10.92
N VAL A 258 -0.37 -7.71 11.94
CA VAL A 258 -0.19 -8.47 13.16
C VAL A 258 -1.52 -8.86 13.82
N ALA A 259 -2.45 -7.91 13.89
CA ALA A 259 -3.71 -8.18 14.55
C ALA A 259 -4.37 -9.34 13.83
N ALA A 260 -4.34 -9.33 12.51
CA ALA A 260 -5.01 -10.39 11.75
C ALA A 260 -4.32 -11.73 12.07
N HIS A 261 -3.01 -11.75 12.15
CA HIS A 261 -2.35 -12.97 12.58
C HIS A 261 -2.71 -13.37 14.02
N GLN A 262 -2.81 -12.40 14.92
CA GLN A 262 -3.12 -12.75 16.29
C GLN A 262 -4.47 -13.39 16.38
N LEU A 263 -5.43 -12.81 15.67
CA LEU A 263 -6.82 -13.28 15.67
C LEU A 263 -6.97 -14.63 14.98
N ALA A 264 -5.90 -15.07 14.31
CA ALA A 264 -5.92 -16.35 13.61
C ALA A 264 -4.94 -17.34 14.27
N GLY A 265 -4.57 -17.07 15.52
CA GLY A 265 -3.87 -18.07 16.33
C GLY A 265 -2.39 -17.94 16.54
N VAL A 266 -1.82 -16.82 16.10
CA VAL A 266 -0.42 -16.59 16.35
C VAL A 266 -0.20 -15.68 17.57
N THR A 267 0.53 -16.15 18.59
CA THR A 267 1.00 -15.29 19.69
C THR A 267 2.11 -14.37 19.20
N VAL A 268 1.89 -13.07 19.29
CA VAL A 268 2.93 -12.08 18.96
C VAL A 268 3.14 -11.24 20.22
N VAL A 269 4.27 -11.48 20.90
CA VAL A 269 4.54 -10.96 22.19
C VAL A 269 4.60 -9.45 22.10
N ASP A 270 5.34 -8.93 21.13
CA ASP A 270 5.40 -7.47 20.96
C ASP A 270 5.08 -6.95 19.54
N PRO A 271 3.80 -6.67 19.26
CA PRO A 271 3.36 -6.17 17.97
C PRO A 271 4.13 -4.90 17.53
N ALA A 272 4.32 -3.92 18.41
CA ALA A 272 5.04 -2.71 17.95
C ALA A 272 6.44 -2.99 17.37
N THR A 273 7.08 -4.11 17.75
CA THR A 273 8.46 -4.42 17.23
C THR A 273 8.56 -5.76 16.49
N THR A 274 7.40 -6.23 16.05
CA THR A 274 7.30 -7.36 15.17
C THR A 274 6.74 -6.84 13.84
N TRP A 275 7.54 -7.01 12.78
CA TRP A 275 7.27 -6.49 11.44
C TRP A 275 6.98 -7.65 10.49
N ILE A 276 5.76 -7.64 9.93
CA ILE A 276 5.29 -8.73 9.06
C ILE A 276 4.85 -8.20 7.71
N ASP A 277 5.61 -8.45 6.64
CA ASP A 277 5.19 -8.06 5.29
C ASP A 277 3.84 -8.66 4.92
N VAL A 278 3.18 -8.11 3.89
CA VAL A 278 1.79 -8.50 3.57
C VAL A 278 1.57 -9.93 3.09
N ASP A 279 2.54 -10.55 2.42
CA ASP A 279 2.40 -11.94 1.88
C ASP A 279 2.74 -13.04 2.90
N VAL A 280 3.32 -12.68 4.04
CA VAL A 280 3.79 -13.65 4.97
C VAL A 280 2.63 -14.51 5.47
N THR A 281 2.79 -15.84 5.47
CA THR A 281 1.85 -16.74 6.22
C THR A 281 2.48 -17.31 7.53
N ILE A 282 1.64 -17.50 8.55
CA ILE A 282 2.04 -18.05 9.87
C ILE A 282 0.99 -19.03 10.46
N GLY A 283 1.45 -20.18 10.92
CA GLY A 283 0.55 -21.21 11.47
C GLY A 283 0.11 -20.99 12.90
N ARG A 284 -1.02 -21.63 13.24
CA ARG A 284 -1.61 -21.60 14.57
C ARG A 284 -0.62 -21.88 15.70
N ASP A 285 -0.78 -21.22 16.86
CA ASP A 285 0.05 -21.47 18.03
C ASP A 285 1.56 -21.22 17.80
N THR A 286 1.96 -20.59 16.70
CA THR A 286 3.31 -20.04 16.66
C THR A 286 3.48 -18.86 17.62
N VAL A 287 4.68 -18.73 18.16
CA VAL A 287 4.99 -17.62 19.07
C VAL A 287 6.05 -16.75 18.41
N ILE A 288 5.81 -15.46 18.25
CA ILE A 288 6.89 -14.60 17.74
C ILE A 288 7.38 -13.69 18.83
N HIS A 289 8.66 -13.79 19.13
CA HIS A 289 9.21 -13.02 20.25
C HIS A 289 9.58 -11.64 19.70
N PRO A 290 9.88 -10.65 20.56
CA PRO A 290 10.05 -9.24 20.12
C PRO A 290 11.20 -9.02 19.16
N GLY A 291 11.28 -7.88 18.47
CA GLY A 291 12.44 -7.62 17.55
C GLY A 291 12.54 -8.52 16.30
N THR A 292 11.40 -8.92 15.71
CA THR A 292 11.43 -9.90 14.61
C THR A 292 10.90 -9.30 13.32
N GLN A 293 11.59 -9.47 12.21
CA GLN A 293 10.98 -9.13 10.92
C GLN A 293 10.76 -10.37 10.05
N LEU A 294 9.52 -10.55 9.61
CA LEU A 294 9.23 -11.61 8.65
C LEU A 294 8.84 -10.92 7.34
N LEU A 295 9.73 -11.01 6.37
CA LEU A 295 9.68 -10.19 5.18
C LEU A 295 9.49 -11.02 3.92
N GLY A 296 8.89 -10.40 2.90
CA GLY A 296 8.77 -11.02 1.61
C GLY A 296 7.83 -12.19 1.66
N ARG A 297 8.27 -13.32 1.11
CA ARG A 297 7.40 -14.50 0.92
C ARG A 297 7.54 -15.51 2.09
N THR A 298 8.32 -15.15 3.10
CA THR A 298 8.40 -15.95 4.31
C THR A 298 7.05 -16.66 4.70
N GLN A 299 7.08 -17.99 4.84
CA GLN A 299 5.97 -18.73 5.47
C GLN A 299 6.46 -19.44 6.70
N ILE A 300 5.74 -19.27 7.80
CA ILE A 300 6.00 -20.00 9.04
C ILE A 300 4.84 -20.96 9.35
N GLY A 301 5.15 -22.23 9.61
CA GLY A 301 4.15 -23.24 9.98
C GLY A 301 3.56 -23.04 11.38
N GLY A 302 2.84 -24.04 11.87
CA GLY A 302 2.27 -24.00 13.22
C GLY A 302 3.21 -24.44 14.34
N ARG A 303 2.86 -24.07 15.55
CA ARG A 303 3.65 -24.41 16.76
C ARG A 303 5.15 -24.12 16.63
N CYS A 304 5.50 -22.99 16.03
CA CYS A 304 6.91 -22.58 15.90
C CYS A 304 7.31 -21.59 16.96
N VAL A 305 8.59 -21.28 17.01
CA VAL A 305 9.05 -20.23 17.87
C VAL A 305 9.97 -19.42 17.00
N VAL A 306 9.64 -18.17 16.79
CA VAL A 306 10.53 -17.33 15.99
C VAL A 306 10.92 -16.14 16.83
N GLY A 307 12.20 -15.83 16.85
CA GLY A 307 12.63 -14.66 17.56
C GLY A 307 13.20 -15.02 18.92
N PRO A 308 13.69 -14.00 19.67
CA PRO A 308 13.73 -12.59 19.34
C PRO A 308 14.83 -12.28 18.35
N ASP A 309 14.93 -11.01 17.93
CA ASP A 309 15.92 -10.56 16.95
C ASP A 309 16.09 -11.52 15.78
N THR A 310 15.01 -11.83 15.09
CA THR A 310 15.11 -12.67 13.91
C THR A 310 14.61 -11.94 12.67
N THR A 311 15.39 -11.96 11.60
CA THR A 311 14.94 -11.38 10.33
C THR A 311 14.94 -12.45 9.28
N LEU A 312 13.78 -12.71 8.68
CA LEU A 312 13.72 -13.71 7.63
C LEU A 312 13.11 -13.14 6.33
N THR A 313 13.87 -13.11 5.24
CA THR A 313 13.31 -12.74 3.97
C THR A 313 13.17 -13.96 3.08
N ASP A 314 11.96 -14.22 2.58
CA ASP A 314 11.66 -15.41 1.72
C ASP A 314 12.27 -16.67 2.31
N VAL A 315 11.85 -16.98 3.53
CA VAL A 315 12.22 -18.21 4.19
C VAL A 315 10.97 -19.08 4.45
N ALA A 316 10.99 -20.33 3.97
CA ALA A 316 10.02 -21.38 4.39
C ALA A 316 10.44 -22.13 5.70
N VAL A 317 9.54 -22.20 6.67
CA VAL A 317 9.80 -22.75 8.00
C VAL A 317 8.74 -23.78 8.35
N GLY A 318 9.17 -25.02 8.63
CA GLY A 318 8.24 -26.15 8.85
C GLY A 318 7.41 -26.02 10.12
N ASP A 319 6.70 -27.09 10.51
CA ASP A 319 5.93 -27.03 11.76
C ASP A 319 6.85 -27.31 12.97
N GLY A 320 6.66 -26.62 14.08
CA GLY A 320 7.42 -26.97 15.27
C GLY A 320 8.91 -26.69 15.22
N ALA A 321 9.33 -25.82 14.32
CA ALA A 321 10.72 -25.37 14.29
C ALA A 321 10.90 -24.20 15.21
N SER A 322 12.15 -23.95 15.57
CA SER A 322 12.53 -22.87 16.44
C SER A 322 13.57 -22.02 15.69
N VAL A 323 13.34 -20.72 15.55
CA VAL A 323 14.30 -19.91 14.78
C VAL A 323 14.64 -18.65 15.55
N VAL A 324 15.77 -18.67 16.26
CA VAL A 324 16.01 -17.69 17.31
C VAL A 324 17.26 -16.94 17.00
N ARG A 325 17.22 -15.63 17.20
CA ARG A 325 18.32 -14.75 16.82
C ARG A 325 19.01 -15.09 15.49
N THR A 326 18.21 -15.25 14.44
CA THR A 326 18.70 -15.69 13.13
C THR A 326 18.43 -14.62 12.08
N HIS A 327 19.32 -14.56 11.10
CA HIS A 327 19.27 -13.61 10.01
C HIS A 327 19.40 -14.51 8.81
N GLY A 328 18.29 -14.68 8.09
CA GLY A 328 18.32 -15.61 6.98
C GLY A 328 17.52 -15.14 5.80
N SER A 329 17.85 -15.69 4.63
CA SER A 329 17.02 -15.42 3.50
C SER A 329 17.12 -16.49 2.44
N SER A 330 16.08 -16.57 1.61
CA SER A 330 15.97 -17.58 0.51
C SER A 330 16.47 -18.95 0.89
N SER A 331 15.82 -19.49 1.91
CA SER A 331 16.19 -20.73 2.53
C SER A 331 14.95 -21.43 2.99
N SER A 332 15.11 -22.73 3.25
CA SER A 332 14.07 -23.46 3.95
C SER A 332 14.57 -24.14 5.26
N ILE A 333 13.69 -24.22 6.25
CA ILE A 333 14.01 -24.82 7.54
C ILE A 333 12.96 -25.88 7.82
N GLY A 334 13.38 -27.10 8.04
CA GLY A 334 12.42 -28.21 8.16
C GLY A 334 11.57 -28.28 9.43
N ASP A 335 10.55 -29.13 9.39
CA ASP A 335 9.78 -29.43 10.57
C ASP A 335 10.74 -29.70 11.75
N GLY A 336 10.44 -29.14 12.91
CA GLY A 336 11.15 -29.52 14.14
C GLY A 336 12.62 -29.17 14.21
N ALA A 337 13.07 -28.26 13.35
CA ALA A 337 14.48 -27.91 13.26
C ALA A 337 14.81 -26.84 14.28
N ALA A 338 16.05 -26.82 14.76
CA ALA A 338 16.50 -25.78 15.69
C ALA A 338 17.62 -24.92 15.08
N VAL A 339 17.31 -23.63 14.88
CA VAL A 339 18.26 -22.67 14.39
C VAL A 339 18.49 -21.53 15.39
N GLY A 340 19.75 -21.14 15.57
CA GLY A 340 20.06 -19.96 16.36
C GLY A 340 20.51 -20.38 17.74
N PRO A 341 20.94 -19.42 18.57
CA PRO A 341 21.01 -17.99 18.36
C PRO A 341 22.26 -17.63 17.59
N PHE A 342 22.24 -16.54 16.83
CA PHE A 342 23.44 -16.05 16.14
C PHE A 342 23.77 -17.01 15.04
N THR A 343 22.79 -17.21 14.18
CA THR A 343 22.96 -18.06 12.99
C THR A 343 22.65 -17.27 11.74
N TYR A 344 23.41 -17.56 10.69
CA TYR A 344 23.30 -16.84 9.44
C TYR A 344 23.04 -17.83 8.27
N LEU A 345 21.83 -17.76 7.74
CA LEU A 345 21.40 -18.53 6.58
C LEU A 345 21.37 -17.67 5.31
N ARG A 346 22.34 -17.91 4.43
CA ARG A 346 22.41 -17.22 3.20
C ARG A 346 21.55 -18.00 2.18
N PRO A 347 21.22 -17.38 1.03
CA PRO A 347 20.30 -18.05 0.10
C PRO A 347 20.83 -19.43 -0.24
N GLY A 348 19.93 -20.39 -0.43
CA GLY A 348 20.32 -21.72 -0.88
C GLY A 348 20.41 -22.74 0.24
N THR A 349 20.23 -22.30 1.48
CA THR A 349 20.31 -23.17 2.65
C THR A 349 19.04 -23.95 2.69
N ALA A 350 19.15 -25.27 2.70
CA ALA A 350 17.98 -26.14 2.95
C ALA A 350 18.33 -27.04 4.11
N LEU A 351 17.64 -26.85 5.21
CA LEU A 351 17.90 -27.62 6.41
C LEU A 351 16.71 -28.51 6.65
N GLY A 352 16.92 -29.83 6.59
CA GLY A 352 15.85 -30.81 6.83
C GLY A 352 15.21 -30.82 8.22
N ALA A 353 14.11 -31.55 8.31
CA ALA A 353 13.41 -31.77 9.55
C ALA A 353 14.38 -32.16 10.70
N ASP A 354 14.17 -31.59 11.89
CA ASP A 354 14.96 -31.88 13.09
C ASP A 354 16.48 -31.66 12.90
N GLY A 355 16.84 -30.85 11.91
CA GLY A 355 18.21 -30.40 11.78
C GLY A 355 18.57 -29.36 12.83
N LYS A 356 19.86 -29.25 13.15
CA LYS A 356 20.27 -28.22 14.03
C LYS A 356 21.32 -27.34 13.40
N LEU A 357 21.08 -26.04 13.45
CA LEU A 357 22.15 -25.07 13.20
C LEU A 357 22.35 -24.20 14.42
N GLY A 358 23.51 -24.38 15.08
CA GLY A 358 23.82 -23.71 16.33
C GLY A 358 24.50 -22.37 16.21
N ALA A 359 24.95 -21.83 17.36
CA ALA A 359 25.51 -20.47 17.43
C ALA A 359 26.71 -20.28 16.51
N PHE A 360 26.84 -19.11 15.91
CA PHE A 360 28.02 -18.71 15.16
C PHE A 360 28.26 -19.66 14.00
N VAL A 361 27.15 -20.03 13.38
CA VAL A 361 27.13 -20.90 12.21
C VAL A 361 26.57 -20.13 11.06
N GLU A 362 27.30 -20.14 9.95
CA GLU A 362 26.84 -19.58 8.68
C GLU A 362 26.69 -20.67 7.61
N VAL A 363 25.53 -20.75 7.00
CA VAL A 363 25.30 -21.69 5.90
C VAL A 363 25.01 -20.91 4.58
N LYS A 364 25.74 -21.29 3.54
CA LYS A 364 25.54 -20.73 2.19
C LYS A 364 25.27 -21.87 1.24
N ASN A 365 24.14 -21.84 0.54
CA ASN A 365 23.90 -22.71 -0.65
C ASN A 365 24.19 -24.21 -0.35
N SER A 366 23.64 -24.68 0.78
CA SER A 366 23.90 -26.04 1.23
C SER A 366 22.61 -26.80 1.54
N THR A 367 22.64 -28.08 1.22
CA THR A 367 21.62 -29.01 1.66
C THR A 367 22.07 -29.73 2.92
N ILE A 368 21.30 -29.54 3.99
CA ILE A 368 21.57 -30.25 5.23
C ILE A 368 20.45 -31.24 5.55
N GLY A 369 20.80 -32.51 5.45
CA GLY A 369 19.83 -33.60 5.62
C GLY A 369 19.20 -33.70 7.00
N THR A 370 18.07 -34.39 7.02
CA THR A 370 17.31 -34.68 8.25
C THR A 370 18.20 -35.10 9.43
N GLY A 371 17.91 -34.50 10.58
CA GLY A 371 18.61 -34.76 11.83
C GLY A 371 20.09 -34.43 11.91
N THR A 372 20.62 -33.68 10.95
CA THR A 372 22.04 -33.30 10.96
C THR A 372 22.24 -32.08 11.88
N LYS A 373 23.26 -32.19 12.73
CA LYS A 373 23.64 -31.11 13.66
C LYS A 373 24.87 -30.39 13.13
N VAL A 374 24.84 -29.07 13.23
CA VAL A 374 26.07 -28.26 13.06
C VAL A 374 26.14 -27.39 14.32
N PRO A 375 26.86 -27.86 15.37
CA PRO A 375 26.64 -27.27 16.71
C PRO A 375 27.07 -25.80 16.97
N HIS A 376 28.15 -25.31 16.37
CA HIS A 376 28.59 -23.95 16.64
C HIS A 376 29.83 -23.58 15.84
N LEU A 377 30.06 -22.29 15.60
CA LEU A 377 31.31 -21.78 15.04
C LEU A 377 31.75 -22.56 13.80
N THR A 378 30.91 -22.60 12.76
CA THR A 378 31.22 -23.32 11.50
C THR A 378 30.56 -22.65 10.32
N TYR A 379 31.29 -22.60 9.21
CA TYR A 379 30.79 -22.19 7.91
C TYR A 379 30.55 -23.43 7.05
N VAL A 380 29.34 -23.59 6.52
CA VAL A 380 29.06 -24.67 5.58
C VAL A 380 28.56 -24.09 4.24
N GLY A 381 29.41 -24.13 3.22
CA GLY A 381 29.15 -23.44 1.97
C GLY A 381 29.18 -24.41 0.84
N ASP A 382 28.17 -24.35 -0.05
CA ASP A 382 28.16 -25.10 -1.32
C ASP A 382 28.35 -26.61 -1.13
N ALA A 383 27.69 -27.19 -0.14
CA ALA A 383 27.97 -28.55 0.27
C ALA A 383 26.68 -29.37 0.33
N ASP A 384 26.79 -30.69 0.19
CA ASP A 384 25.67 -31.60 0.53
C ASP A 384 26.02 -32.46 1.69
N ILE A 385 25.17 -32.43 2.71
CA ILE A 385 25.38 -33.29 3.86
C ILE A 385 24.25 -34.30 4.06
N GLY A 386 24.64 -35.54 4.29
CA GLY A 386 23.68 -36.61 4.52
C GLY A 386 22.83 -36.42 5.76
N GLU A 387 21.82 -37.28 5.90
CA GLU A 387 20.93 -37.30 7.04
C GLU A 387 21.67 -37.71 8.30
N TYR A 388 21.13 -37.35 9.47
CA TYR A 388 21.65 -37.78 10.79
C TYR A 388 23.18 -37.83 10.87
N SER A 389 23.84 -36.87 10.26
CA SER A 389 25.30 -36.76 10.42
C SER A 389 25.65 -35.62 11.39
N ASN A 390 26.94 -35.38 11.57
CA ASN A 390 27.42 -34.50 12.64
C ASN A 390 28.65 -33.65 12.24
N ILE A 391 28.46 -32.34 12.15
CA ILE A 391 29.52 -31.43 11.66
C ILE A 391 30.01 -30.50 12.75
#